data_2Q6V
#
_entry.id   2Q6V
#
_cell.length_a   121.210
_cell.length_b   121.210
_cell.length_c   170.724
_cell.angle_alpha   90.00
_cell.angle_beta   90.00
_cell.angle_gamma   120.00
#
_symmetry.space_group_name_H-M   'P 65 2 2'
#
loop_
_entity.id
_entity.type
_entity.pdbx_description
1 polymer 'Glucuronosyltransferase GumK'
2 non-polymer "URIDINE-5'-DIPHOSPHATE"
3 water water
#
_entity_poly.entity_id   1
_entity_poly.type   'polypeptide(L)'
_entity_poly.pdbx_seq_one_letter_code
;MGVSPAAPASGIRRPCYLVLSSHDFRTPRRANIHFITDQLALRGTTRFFSLRYSRLSRMKGDMRLPLDDTANTVVSHNGV
DCYLWRTTVHPFNTRRSWLRPVEDAMFRWYAAHPPKQLLDWMRESDVIVFESGIAVAFIELAKRVNPAAKLVYRASDGLS
TINVASYIEREFDRVAPTLDVIALVSPAMAAEVVSRDNVFHVGHGVDHNLDQLGDPSPYAEGIHAVAVGSMLFDPEFFVV
ASKAFPQVTFHVIGSGMGRHPGYGDNVIVYGEMKHAQTIGYIKHARFGIAPYASEQVPVYLADSSMKLLQYDFFGLPAVC
PNAVVGPYKSRFGYTPGNADSVIAAITQALEAPRVRYRQCLNWSDTTDRVLDPRAYPETRLYPHPPTAAPQLSSEAALSH
HHHHHH
;
_entity_poly.pdbx_strand_id   A
#
loop_
_chem_comp.id
_chem_comp.type
_chem_comp.name
_chem_comp.formula
UDP RNA linking URIDINE-5'-DIPHOSPHATE 'C9 H14 N2 O12 P2'
#
# COMPACT_ATOMS: atom_id res chain seq x y z
N ARG A 14 -25.79 -5.58 -5.45
CA ARG A 14 -25.38 -6.12 -6.77
C ARG A 14 -24.15 -6.89 -6.54
N PRO A 15 -23.78 -7.04 -5.26
CA PRO A 15 -23.26 -6.13 -4.18
C PRO A 15 -22.66 -4.80 -4.59
N CYS A 16 -23.06 -3.73 -3.90
CA CYS A 16 -22.54 -2.40 -4.20
C CYS A 16 -21.47 -2.05 -3.15
N TYR A 17 -20.29 -1.65 -3.63
CA TYR A 17 -19.13 -1.36 -2.81
C TYR A 17 -18.82 0.07 -2.87
N LEU A 18 -18.42 0.59 -1.72
CA LEU A 18 -17.86 1.89 -1.62
C LEU A 18 -16.53 1.75 -0.92
N VAL A 19 -15.52 2.39 -1.51
CA VAL A 19 -14.19 2.44 -0.89
C VAL A 19 -13.90 3.87 -0.47
N LEU A 20 -13.45 4.03 0.78
CA LEU A 20 -12.95 5.32 1.24
C LEU A 20 -11.49 5.21 1.50
N SER A 21 -10.78 6.17 0.93
CA SER A 21 -9.37 6.14 0.94
C SER A 21 -8.85 7.52 0.64
N SER A 22 -7.62 7.74 1.07
CA SER A 22 -6.88 8.91 0.72
C SER A 22 -6.22 8.79 -0.67
N HIS A 23 -6.20 7.59 -1.23
CA HIS A 23 -5.88 7.42 -2.64
C HIS A 23 -7.06 7.92 -3.47
N ASP A 24 -6.78 8.21 -4.74
CA ASP A 24 -7.82 8.26 -5.71
C ASP A 24 -7.59 7.07 -6.61
N PHE A 25 -8.69 6.49 -7.06
CA PHE A 25 -8.65 5.36 -7.92
C PHE A 25 -8.01 5.66 -9.27
N ARG A 26 -8.07 6.92 -9.69
CA ARG A 26 -7.57 7.30 -11.01
C ARG A 26 -6.06 7.47 -11.08
N THR A 27 -5.40 7.48 -9.94
CA THR A 27 -3.94 7.62 -9.95
C THR A 27 -3.24 6.50 -10.69
N PRO A 28 -2.24 6.88 -11.48
CA PRO A 28 -1.45 5.91 -12.23
C PRO A 28 -0.64 5.03 -11.29
N ARG A 29 -0.19 5.59 -10.18
CA ARG A 29 0.48 4.79 -9.19
C ARG A 29 -0.61 3.98 -8.41
N ARG A 30 -0.80 2.74 -8.79
CA ARG A 30 -1.72 1.86 -8.10
C ARG A 30 -1.14 1.19 -6.88
N ALA A 31 -1.85 1.33 -5.76
CA ALA A 31 -1.51 0.73 -4.48
C ALA A 31 -2.42 -0.45 -4.27
N ASN A 32 -2.25 -1.15 -3.15
CA ASN A 32 -3.12 -2.29 -2.82
C ASN A 32 -4.64 -2.08 -2.92
N ILE A 33 -5.12 -0.93 -2.46
CA ILE A 33 -6.54 -0.63 -2.45
C ILE A 33 -7.10 -0.54 -3.87
N HIS A 34 -6.29 -0.09 -4.82
CA HIS A 34 -6.65 -0.14 -6.26
C HIS A 34 -6.88 -1.57 -6.76
N PHE A 35 -5.99 -2.47 -6.40
CA PHE A 35 -6.11 -3.85 -6.81
C PHE A 35 -7.32 -4.52 -6.18
N ILE A 36 -7.60 -4.21 -4.93
CA ILE A 36 -8.82 -4.67 -4.30
C ILE A 36 -10.03 -4.07 -5.02
N THR A 37 -9.97 -2.77 -5.32
CA THR A 37 -11.10 -2.07 -5.97
C THR A 37 -11.39 -2.65 -7.35
N ASP A 38 -10.35 -3.02 -8.07
CA ASP A 38 -10.56 -3.73 -9.32
C ASP A 38 -11.37 -4.97 -9.15
N GLN A 39 -11.09 -5.71 -8.09
CA GLN A 39 -11.84 -6.92 -7.79
C GLN A 39 -13.27 -6.61 -7.43
N LEU A 40 -13.47 -5.56 -6.66
CA LEU A 40 -14.79 -5.14 -6.27
C LEU A 40 -15.57 -4.75 -7.50
N ALA A 41 -14.93 -4.02 -8.41
CA ALA A 41 -15.58 -3.58 -9.65
C ALA A 41 -16.02 -4.77 -10.48
N LEU A 42 -15.43 -5.94 -10.26
CA LEU A 42 -15.84 -7.15 -10.97
C LEU A 42 -17.06 -7.79 -10.31
N ARG A 43 -17.30 -7.45 -9.05
CA ARG A 43 -18.30 -8.13 -8.26
C ARG A 43 -19.59 -7.33 -8.20
N GLY A 44 -19.51 -6.04 -8.52
CA GLY A 44 -20.66 -5.15 -8.39
C GLY A 44 -20.29 -3.71 -8.59
N THR A 45 -21.29 -2.86 -8.57
CA THR A 45 -21.07 -1.42 -8.65
C THR A 45 -20.14 -0.98 -7.53
N THR A 46 -19.10 -0.25 -7.88
CA THR A 46 -18.02 0.08 -7.01
C THR A 46 -17.75 1.55 -7.12
N ARG A 47 -17.71 2.20 -5.95
CA ARG A 47 -17.43 3.62 -5.86
C ARG A 47 -16.17 3.76 -5.05
N PHE A 48 -15.40 4.79 -5.39
CA PHE A 48 -14.16 5.02 -4.72
C PHE A 48 -14.13 6.49 -4.40
N PHE A 49 -14.30 6.76 -3.12
CA PHE A 49 -14.40 8.10 -2.62
C PHE A 49 -13.07 8.52 -1.98
N SER A 50 -12.47 9.53 -2.59
CA SER A 50 -11.13 9.92 -2.27
C SER A 50 -11.12 11.11 -1.29
N LEU A 51 -10.44 10.91 -0.17
CA LEU A 51 -10.49 11.80 0.99
C LEU A 51 -9.19 12.54 1.18
N ARG A 52 -9.17 13.50 2.12
CA ARG A 52 -7.94 14.18 2.56
C ARG A 52 -7.36 15.03 1.45
N TYR A 53 -8.24 15.62 0.67
CA TYR A 53 -7.83 16.40 -0.46
C TYR A 53 -8.53 17.73 -0.26
N SER A 54 -7.76 18.80 -0.37
CA SER A 54 -8.32 20.12 -0.15
C SER A 54 -7.58 21.11 -1.06
N ARG A 55 -7.95 22.38 -0.97
CA ARG A 55 -7.14 23.46 -1.55
C ARG A 55 -5.75 23.52 -0.91
N LEU A 56 -5.63 23.18 0.37
CA LEU A 56 -4.32 23.11 1.04
C LEU A 56 -3.42 22.10 0.38
N SER A 57 -4.01 21.05 -0.20
CA SER A 57 -3.28 19.96 -0.84
C SER A 57 -2.29 20.42 -1.92
N ARG A 58 -2.55 21.61 -2.47
CA ARG A 58 -1.61 22.32 -3.36
C ARG A 58 -0.35 22.83 -2.64
N MET A 59 -0.46 23.20 -1.36
CA MET A 59 0.71 23.68 -0.59
C MET A 59 1.82 22.64 -0.56
N LYS A 60 1.58 21.53 0.14
CA LYS A 60 2.44 20.36 -0.04
C LYS A 60 1.96 19.80 -1.37
N GLY A 61 2.51 18.73 -1.92
CA GLY A 61 2.31 18.53 -3.36
C GLY A 61 1.54 17.31 -3.83
N ASP A 62 0.28 17.22 -3.44
CA ASP A 62 -0.57 16.01 -3.65
C ASP A 62 -0.54 15.37 -5.06
N MET A 63 -0.30 14.06 -5.11
CA MET A 63 -0.30 13.32 -6.39
C MET A 63 -1.66 13.32 -7.15
N ARG A 64 -2.72 13.80 -6.49
CA ARG A 64 -4.06 13.83 -7.07
C ARG A 64 -4.38 15.15 -7.72
N LEU A 65 -3.45 16.10 -7.65
CA LEU A 65 -3.62 17.42 -8.28
C LEU A 65 -3.97 17.39 -9.77
N PRO A 66 -3.41 16.45 -10.56
CA PRO A 66 -3.89 16.32 -11.96
C PRO A 66 -5.41 16.14 -12.07
N LEU A 67 -6.04 15.68 -10.98
CA LEU A 67 -7.47 15.36 -10.97
C LEU A 67 -8.34 16.50 -10.47
N ASP A 68 -7.69 17.61 -10.17
CA ASP A 68 -8.34 18.68 -9.43
C ASP A 68 -9.58 19.27 -10.10
N ASP A 69 -9.53 19.34 -11.43
CA ASP A 69 -10.64 19.88 -12.22
C ASP A 69 -11.82 18.95 -12.27
N THR A 70 -11.64 17.76 -11.74
CA THR A 70 -12.74 16.82 -11.62
C THR A 70 -13.27 16.78 -10.20
N ALA A 71 -12.66 17.55 -9.30
CA ALA A 71 -12.97 17.46 -7.88
C ALA A 71 -14.47 17.63 -7.61
N ASN A 72 -14.99 16.87 -6.65
CA ASN A 72 -16.38 17.02 -6.20
C ASN A 72 -17.41 16.67 -7.25
N THR A 73 -16.99 15.83 -8.19
CA THR A 73 -17.91 15.29 -9.15
C THR A 73 -17.51 13.84 -9.28
N VAL A 74 -18.47 13.04 -9.76
CA VAL A 74 -18.31 11.62 -10.00
C VAL A 74 -17.71 11.43 -11.39
N VAL A 75 -16.60 10.71 -11.43
CA VAL A 75 -16.00 10.34 -12.71
C VAL A 75 -15.93 8.81 -12.81
N SER A 76 -16.26 8.27 -13.94
CA SER A 76 -16.13 6.84 -14.12
C SER A 76 -14.70 6.51 -14.54
N HIS A 77 -14.11 5.50 -13.93
CA HIS A 77 -12.79 5.07 -14.33
C HIS A 77 -12.63 3.56 -14.16
N ASN A 78 -12.45 2.86 -15.27
CA ASN A 78 -12.32 1.44 -15.29
C ASN A 78 -13.42 0.76 -14.52
N GLY A 79 -14.65 1.21 -14.76
CA GLY A 79 -15.83 0.60 -14.17
C GLY A 79 -16.06 1.06 -12.75
N VAL A 80 -15.25 1.97 -12.24
CA VAL A 80 -15.43 2.45 -10.85
C VAL A 80 -15.90 3.91 -10.86
N ASP A 81 -16.90 4.21 -10.02
CA ASP A 81 -17.33 5.59 -9.84
C ASP A 81 -16.43 6.24 -8.87
N CYS A 82 -15.75 7.29 -9.31
CA CYS A 82 -14.72 7.91 -8.52
C CYS A 82 -15.17 9.31 -8.12
N TYR A 83 -14.75 9.70 -6.94
CA TYR A 83 -15.04 11.04 -6.51
C TYR A 83 -13.88 11.51 -5.69
N LEU A 84 -13.28 12.60 -6.16
CA LEU A 84 -12.25 13.27 -5.41
C LEU A 84 -12.88 14.44 -4.66
N TRP A 85 -13.01 14.23 -3.36
CA TRP A 85 -13.61 15.22 -2.52
C TRP A 85 -12.59 16.29 -2.24
N ARG A 86 -12.87 17.53 -2.62
CA ARG A 86 -11.95 18.61 -2.29
C ARG A 86 -12.65 19.60 -1.40
N THR A 87 -12.14 19.75 -0.19
CA THR A 87 -12.62 20.78 0.71
C THR A 87 -11.62 21.92 0.59
N THR A 88 -11.85 23.00 1.32
CA THR A 88 -10.89 24.11 1.39
C THR A 88 -9.65 23.68 2.15
N VAL A 89 -9.87 23.17 3.37
CA VAL A 89 -8.78 22.63 4.17
C VAL A 89 -9.18 21.22 4.53
N HIS A 90 -8.21 20.37 4.75
CA HIS A 90 -8.49 19.04 5.28
C HIS A 90 -7.84 18.94 6.66
N PRO A 91 -8.38 18.07 7.53
CA PRO A 91 -7.72 17.92 8.82
C PRO A 91 -6.45 17.06 8.67
N PHE A 92 -5.45 17.32 9.50
CA PHE A 92 -4.17 16.62 9.41
C PHE A 92 -3.46 16.67 10.78
N ASN A 93 -2.43 15.84 10.92
CA ASN A 93 -1.54 15.84 12.08
C ASN A 93 -0.63 17.06 11.94
N THR A 94 -0.80 18.02 12.82
CA THR A 94 0.05 19.19 12.82
C THR A 94 1.42 18.81 13.40
N ARG A 95 1.42 17.73 14.20
CA ARG A 95 2.59 17.18 14.85
C ARG A 95 3.08 18.10 15.97
N ARG A 96 2.13 18.89 16.49
CA ARG A 96 2.36 19.84 17.58
C ARG A 96 1.26 19.54 18.58
N SER A 97 1.67 19.03 19.73
CA SER A 97 0.72 18.64 20.78
C SER A 97 -0.15 19.78 21.27
N TRP A 98 0.32 21.01 21.10
CA TRP A 98 -0.44 22.19 21.53
C TRP A 98 -1.58 22.53 20.56
N LEU A 99 -1.42 22.07 19.31
CA LEU A 99 -2.42 22.23 18.25
C LEU A 99 -3.47 21.10 18.21
N ARG A 100 -3.44 20.17 19.16
CA ARG A 100 -4.36 19.02 19.15
C ARG A 100 -5.83 19.38 19.24
N PRO A 101 -6.19 20.37 20.11
CA PRO A 101 -7.62 20.78 20.18
C PRO A 101 -8.16 21.39 18.88
N VAL A 102 -7.30 22.04 18.10
CA VAL A 102 -7.67 22.53 16.77
C VAL A 102 -7.72 21.41 15.72
N GLU A 103 -6.77 20.48 15.81
CA GLU A 103 -6.80 19.22 15.06
C GLU A 103 -8.12 18.50 15.25
N ASP A 104 -8.47 18.19 16.50
CA ASP A 104 -9.73 17.53 16.82
C ASP A 104 -10.92 18.31 16.27
N ALA A 105 -10.87 19.64 16.36
CA ALA A 105 -11.94 20.50 15.84
C ALA A 105 -12.02 20.32 14.33
N MET A 106 -10.88 20.38 13.63
CA MET A 106 -10.83 20.18 12.17
C MET A 106 -11.32 18.79 11.74
N PHE A 107 -10.94 17.75 12.48
CA PHE A 107 -11.41 16.40 12.23
C PHE A 107 -12.88 16.23 12.44
N ARG A 108 -13.37 16.76 13.54
CA ARG A 108 -14.79 16.73 13.84
C ARG A 108 -15.55 17.45 12.76
N TRP A 109 -15.03 18.59 12.33
CA TRP A 109 -15.67 19.42 11.33
C TRP A 109 -15.74 18.66 9.99
N TYR A 110 -14.62 18.04 9.62
CA TYR A 110 -14.51 17.33 8.36
C TYR A 110 -15.49 16.20 8.33
N ALA A 111 -15.50 15.44 9.41
CA ALA A 111 -16.39 14.30 9.57
C ALA A 111 -17.86 14.71 9.65
N ALA A 112 -18.12 15.90 10.22
CA ALA A 112 -19.47 16.44 10.34
C ALA A 112 -20.02 17.03 9.04
N HIS A 113 -19.15 17.26 8.05
CA HIS A 113 -19.56 17.87 6.78
C HIS A 113 -19.29 17.04 5.53
N PRO A 114 -19.70 15.75 5.54
CA PRO A 114 -19.48 14.96 4.33
C PRO A 114 -20.33 15.54 3.20
N PRO A 115 -19.88 15.37 1.95
CA PRO A 115 -20.71 15.84 0.87
C PRO A 115 -21.87 14.87 0.66
N LYS A 116 -22.98 15.38 0.12
CA LYS A 116 -24.13 14.52 -0.11
C LYS A 116 -23.75 13.28 -0.90
N GLN A 117 -22.83 13.46 -1.84
CA GLN A 117 -22.38 12.35 -2.69
C GLN A 117 -21.85 11.17 -1.85
N LEU A 118 -21.10 11.47 -0.79
CA LEU A 118 -20.64 10.41 0.12
C LEU A 118 -21.82 9.74 0.80
N LEU A 119 -22.75 10.56 1.29
CA LEU A 119 -23.93 10.06 2.00
C LEU A 119 -24.75 9.17 1.11
N ASP A 120 -24.98 9.60 -0.13
CA ASP A 120 -25.73 8.80 -1.12
C ASP A 120 -25.02 7.52 -1.38
N TRP A 121 -23.73 7.61 -1.65
CA TRP A 121 -22.99 6.38 -1.91
C TRP A 121 -22.97 5.44 -0.71
N MET A 122 -22.82 6.00 0.49
CA MET A 122 -22.93 5.17 1.69
C MET A 122 -24.24 4.40 1.76
N ARG A 123 -25.34 5.12 1.52
CA ARG A 123 -26.68 4.55 1.49
C ARG A 123 -26.83 3.45 0.46
N GLU A 124 -26.21 3.63 -0.69
CA GLU A 124 -26.38 2.72 -1.79
C GLU A 124 -25.55 1.46 -1.65
N SER A 125 -24.61 1.48 -0.71
CA SER A 125 -23.63 0.44 -0.60
C SER A 125 -24.11 -0.69 0.23
N ASP A 126 -23.64 -1.89 -0.11
CA ASP A 126 -23.81 -3.05 0.71
C ASP A 126 -22.59 -3.22 1.57
N VAL A 127 -21.47 -2.74 1.04
CA VAL A 127 -20.17 -2.93 1.65
C VAL A 127 -19.39 -1.64 1.52
N ILE A 128 -18.90 -1.15 2.65
CA ILE A 128 -18.08 0.04 2.63
C ILE A 128 -16.72 -0.37 3.15
N VAL A 129 -15.70 -0.08 2.35
CA VAL A 129 -14.37 -0.41 2.69
C VAL A 129 -13.67 0.89 3.08
N PHE A 130 -13.11 0.91 4.27
CA PHE A 130 -12.33 2.02 4.79
C PHE A 130 -10.89 1.60 4.82
N GLU A 131 -10.05 2.33 4.15
CA GLU A 131 -8.66 2.08 4.23
C GLU A 131 -8.13 2.74 5.47
N SER A 132 -7.13 2.12 6.07
CA SER A 132 -6.42 2.77 7.16
C SER A 132 -6.09 4.24 6.83
N GLY A 133 -6.35 5.14 7.76
CA GLY A 133 -6.01 6.54 7.54
C GLY A 133 -7.27 7.34 7.80
N ILE A 134 -7.38 8.45 7.07
CA ILE A 134 -8.49 9.43 7.19
C ILE A 134 -9.91 8.84 7.11
N ALA A 135 -10.07 7.74 6.38
CA ALA A 135 -11.35 7.06 6.24
C ALA A 135 -11.91 6.65 7.58
N VAL A 136 -11.03 6.51 8.59
CA VAL A 136 -11.47 6.21 9.95
C VAL A 136 -12.52 7.23 10.43
N ALA A 137 -12.35 8.49 9.99
CA ALA A 137 -13.21 9.59 10.43
C ALA A 137 -14.65 9.43 9.94
N PHE A 138 -14.87 8.44 9.08
CA PHE A 138 -16.20 8.27 8.44
C PHE A 138 -16.89 6.98 8.75
N ILE A 139 -16.25 6.17 9.58
CA ILE A 139 -16.82 4.88 9.98
C ILE A 139 -18.15 5.04 10.75
N GLU A 140 -18.17 5.93 11.75
CA GLU A 140 -19.40 6.15 12.51
C GLU A 140 -20.50 6.62 11.57
N LEU A 141 -20.17 7.58 10.71
CA LEU A 141 -21.11 8.13 9.72
C LEU A 141 -21.67 7.01 8.86
N ALA A 142 -20.81 6.16 8.31
CA ALA A 142 -21.27 5.01 7.51
C ALA A 142 -22.33 4.20 8.27
N LYS A 143 -22.08 3.94 9.54
CA LYS A 143 -22.99 3.13 10.33
C LYS A 143 -24.32 3.85 10.54
N ARG A 144 -24.30 5.17 10.68
CA ARG A 144 -25.53 5.93 10.82
C ARG A 144 -26.30 6.00 9.53
N VAL A 145 -25.58 6.09 8.40
CA VAL A 145 -26.26 6.24 7.12
C VAL A 145 -26.77 4.89 6.66
N ASN A 146 -26.02 3.85 6.98
CA ASN A 146 -26.36 2.56 6.44
C ASN A 146 -25.88 1.48 7.39
N PRO A 147 -26.66 1.23 8.46
CA PRO A 147 -26.31 0.22 9.44
C PRO A 147 -26.34 -1.21 8.87
N ALA A 148 -26.98 -1.39 7.72
CA ALA A 148 -26.95 -2.65 7.00
C ALA A 148 -25.67 -2.91 6.24
N ALA A 149 -24.95 -1.86 5.85
CA ALA A 149 -23.70 -2.03 5.12
C ALA A 149 -22.70 -2.82 5.96
N LYS A 150 -22.03 -3.77 5.31
CA LYS A 150 -20.87 -4.39 5.93
C LYS A 150 -19.71 -3.43 5.93
N LEU A 151 -19.14 -3.15 7.10
CA LEU A 151 -18.08 -2.14 7.24
C LEU A 151 -16.78 -2.86 7.37
N VAL A 152 -15.91 -2.61 6.40
CA VAL A 152 -14.67 -3.34 6.26
C VAL A 152 -13.59 -2.31 6.28
N TYR A 153 -12.75 -2.44 7.29
CA TYR A 153 -11.55 -1.67 7.42
C TYR A 153 -10.37 -2.46 6.85
N ARG A 154 -9.73 -1.87 5.85
CA ARG A 154 -8.56 -2.48 5.30
C ARG A 154 -7.33 -1.75 5.82
N ALA A 155 -6.57 -2.44 6.69
CA ALA A 155 -5.39 -1.84 7.31
C ALA A 155 -4.20 -2.06 6.42
N SER A 156 -4.01 -1.13 5.49
CA SER A 156 -2.88 -1.16 4.59
C SER A 156 -1.68 -0.79 5.41
N ASP A 157 -1.95 0.04 6.42
CA ASP A 157 -0.93 0.51 7.36
C ASP A 157 -1.47 0.57 8.75
N GLY A 158 -0.57 0.50 9.74
CA GLY A 158 -0.86 0.89 11.11
C GLY A 158 -1.06 2.40 11.18
N LEU A 159 -2.02 2.83 11.98
CA LEU A 159 -2.31 4.25 12.13
C LEU A 159 -1.10 5.08 12.59
N SER A 160 -0.35 4.55 13.56
CA SER A 160 0.78 5.26 14.17
C SER A 160 1.95 5.35 13.21
N THR A 161 2.05 4.38 12.30
CA THR A 161 3.12 4.35 11.31
C THR A 161 2.92 5.45 10.28
N ILE A 162 1.70 5.60 9.82
CA ILE A 162 1.40 6.70 8.90
C ILE A 162 1.15 8.00 9.65
N ASN A 163 1.20 7.91 10.99
CA ASN A 163 1.33 9.03 11.88
C ASN A 163 0.10 9.95 11.72
N VAL A 164 -1.07 9.30 11.78
CA VAL A 164 -2.32 10.01 11.75
C VAL A 164 -2.40 10.89 12.99
N ALA A 165 -3.27 11.90 12.91
CA ALA A 165 -3.60 12.74 14.04
C ALA A 165 -4.14 11.86 15.13
N SER A 166 -3.80 12.24 16.35
CA SER A 166 -4.34 11.66 17.55
C SER A 166 -5.84 11.38 17.44
N TYR A 167 -6.57 12.33 16.85
CA TYR A 167 -8.01 12.15 16.61
C TYR A 167 -8.36 10.85 15.88
N ILE A 168 -7.61 10.57 14.83
CA ILE A 168 -7.87 9.38 14.02
C ILE A 168 -7.60 8.11 14.82
N GLU A 169 -6.54 8.11 15.62
CA GLU A 169 -6.16 6.97 16.45
C GLU A 169 -7.26 6.67 17.48
N ARG A 170 -7.69 7.74 18.15
CA ARG A 170 -8.74 7.67 19.16
C ARG A 170 -10.04 7.23 18.55
N GLU A 171 -10.40 7.84 17.43
CA GLU A 171 -11.60 7.48 16.72
C GLU A 171 -11.55 6.04 16.26
N PHE A 172 -10.42 5.62 15.73
CA PHE A 172 -10.31 4.24 15.32
C PHE A 172 -10.50 3.29 16.52
N ASP A 173 -9.84 3.56 17.64
CA ASP A 173 -10.02 2.74 18.86
C ASP A 173 -11.46 2.71 19.29
N ARG A 174 -12.12 3.85 19.18
CA ARG A 174 -13.50 4.00 19.57
C ARG A 174 -14.45 3.18 18.68
N VAL A 175 -14.22 3.23 17.37
CA VAL A 175 -15.17 2.57 16.47
C VAL A 175 -14.73 1.16 16.05
N ALA A 176 -13.47 0.81 16.28
CA ALA A 176 -12.95 -0.47 15.78
C ALA A 176 -13.83 -1.67 16.10
N PRO A 177 -14.31 -1.81 17.37
CA PRO A 177 -15.16 -2.96 17.68
C PRO A 177 -16.42 -3.12 16.84
N THR A 178 -16.88 -2.01 16.24
CA THR A 178 -18.18 -1.98 15.55
C THR A 178 -18.02 -2.32 14.07
N LEU A 179 -16.77 -2.40 13.61
CA LEU A 179 -16.50 -2.77 12.24
C LEU A 179 -16.86 -4.22 12.05
N ASP A 180 -17.44 -4.55 10.90
CA ASP A 180 -17.65 -5.96 10.62
C ASP A 180 -16.35 -6.68 10.40
N VAL A 181 -15.40 -5.98 9.77
CA VAL A 181 -14.15 -6.60 9.40
C VAL A 181 -13.06 -5.60 9.61
N ILE A 182 -12.03 -6.04 10.33
CA ILE A 182 -10.77 -5.37 10.32
C ILE A 182 -9.79 -6.31 9.64
N ALA A 183 -9.42 -5.98 8.40
CA ALA A 183 -8.61 -6.86 7.57
C ALA A 183 -7.21 -6.32 7.60
N LEU A 184 -6.39 -6.89 8.46
CA LEU A 184 -4.99 -6.50 8.59
C LEU A 184 -4.15 -7.12 7.49
N VAL A 185 -3.37 -6.27 6.81
CA VAL A 185 -2.34 -6.77 5.91
C VAL A 185 -1.33 -7.69 6.60
N SER A 186 -1.08 -7.40 7.87
CA SER A 186 -0.08 -8.09 8.64
C SER A 186 -0.63 -8.32 10.04
N PRO A 187 -0.45 -9.55 10.56
CA PRO A 187 -0.77 -9.83 11.98
C PRO A 187 -0.03 -8.87 12.91
N ALA A 188 1.15 -8.39 12.50
CA ALA A 188 1.94 -7.44 13.28
C ALA A 188 1.22 -6.10 13.55
N MET A 189 0.15 -5.83 12.80
CA MET A 189 -0.65 -4.63 13.02
C MET A 189 -1.64 -4.81 14.15
N ALA A 190 -1.89 -6.05 14.55
CA ALA A 190 -2.94 -6.35 15.54
C ALA A 190 -2.73 -5.73 16.93
N ALA A 191 -1.46 -5.54 17.34
CA ALA A 191 -1.12 -5.00 18.65
C ALA A 191 -1.71 -3.62 18.87
N GLU A 192 -1.81 -2.80 17.81
CA GLU A 192 -2.32 -1.44 17.96
C GLU A 192 -3.78 -1.31 17.53
N VAL A 193 -4.45 -2.44 17.34
CA VAL A 193 -5.87 -2.43 17.01
C VAL A 193 -6.65 -2.87 18.25
N VAL A 194 -7.48 -1.97 18.77
CA VAL A 194 -8.24 -2.20 20.01
C VAL A 194 -9.54 -2.96 19.75
N SER A 195 -9.39 -4.14 19.21
CA SER A 195 -10.52 -4.97 18.95
C SER A 195 -9.95 -6.37 18.70
N ARG A 196 -10.82 -7.38 18.67
CA ARG A 196 -10.37 -8.75 18.64
C ARG A 196 -11.23 -9.57 17.72
N ASP A 197 -12.53 -9.58 17.95
CA ASP A 197 -13.40 -10.59 17.34
C ASP A 197 -13.60 -10.34 15.85
N ASN A 198 -13.28 -9.14 15.42
CA ASN A 198 -13.51 -8.72 14.05
C ASN A 198 -12.18 -8.41 13.37
N VAL A 199 -11.09 -9.00 13.90
CA VAL A 199 -9.75 -8.69 13.40
C VAL A 199 -9.20 -9.92 12.69
N PHE A 200 -8.82 -9.70 11.44
CA PHE A 200 -8.42 -10.79 10.57
C PHE A 200 -7.15 -10.42 9.87
N HIS A 201 -6.43 -11.45 9.43
CA HIS A 201 -5.25 -11.30 8.65
C HIS A 201 -5.56 -11.65 7.21
N VAL A 202 -5.40 -10.64 6.36
CA VAL A 202 -5.55 -10.83 4.92
C VAL A 202 -4.45 -9.99 4.31
N GLY A 203 -3.40 -10.67 3.87
CA GLY A 203 -2.24 -10.04 3.30
C GLY A 203 -2.60 -9.53 1.94
N HIS A 204 -1.70 -8.77 1.34
CA HIS A 204 -1.86 -8.33 -0.01
C HIS A 204 -1.95 -9.50 -0.96
N GLY A 205 -2.68 -9.28 -2.04
CA GLY A 205 -2.80 -10.26 -3.10
C GLY A 205 -1.74 -10.05 -4.14
N VAL A 206 -1.75 -10.89 -5.16
CA VAL A 206 -0.91 -10.70 -6.34
C VAL A 206 -1.84 -10.89 -7.52
N ASP A 207 -1.50 -10.38 -8.70
CA ASP A 207 -2.37 -10.78 -9.76
C ASP A 207 -2.27 -12.23 -10.15
N HIS A 208 -3.42 -12.73 -10.54
CA HIS A 208 -3.71 -14.12 -10.83
C HIS A 208 -2.83 -14.58 -11.99
N ASN A 209 -2.14 -13.62 -12.53
CA ASN A 209 -1.60 -13.52 -13.83
C ASN A 209 -0.07 -13.45 -13.81
N LEU A 210 0.51 -13.26 -12.63
CA LEU A 210 1.93 -12.86 -12.52
C LEU A 210 2.88 -13.64 -13.41
N ASP A 211 2.74 -14.96 -13.38
CA ASP A 211 3.62 -15.84 -14.13
C ASP A 211 3.49 -15.65 -15.63
N GLN A 212 2.28 -15.33 -16.08
CA GLN A 212 2.12 -15.00 -17.47
C GLN A 212 2.73 -13.65 -17.78
N LEU A 213 2.66 -12.71 -16.85
CA LEU A 213 3.13 -11.34 -17.12
C LEU A 213 4.65 -11.29 -17.14
N GLY A 214 5.27 -12.25 -16.49
CA GLY A 214 6.68 -12.22 -16.26
C GLY A 214 7.48 -12.74 -17.43
N ASP A 215 6.79 -13.18 -18.47
CA ASP A 215 7.47 -13.57 -19.72
C ASP A 215 6.97 -12.64 -20.84
N PRO A 216 7.83 -12.35 -21.84
CA PRO A 216 9.24 -12.73 -22.00
C PRO A 216 10.20 -11.93 -21.08
N SER A 217 11.49 -12.26 -21.14
CA SER A 217 12.50 -11.58 -20.31
C SER A 217 12.86 -10.24 -20.93
N PRO A 218 12.89 -9.16 -20.12
CA PRO A 218 13.39 -7.89 -20.66
C PRO A 218 14.93 -7.85 -20.74
N TYR A 219 15.60 -8.85 -20.17
CA TYR A 219 17.02 -8.81 -19.98
C TYR A 219 17.80 -9.64 -20.98
N ALA A 220 18.94 -9.12 -21.40
CA ALA A 220 19.92 -9.90 -22.17
C ALA A 220 20.75 -10.69 -21.18
N GLU A 221 21.90 -11.18 -21.62
CA GLU A 221 22.80 -11.92 -20.75
C GLU A 221 23.31 -11.06 -19.59
N GLY A 222 23.74 -11.74 -18.55
CA GLY A 222 24.36 -11.06 -17.43
C GLY A 222 23.53 -11.29 -16.20
N ILE A 223 23.99 -10.69 -15.10
CA ILE A 223 23.31 -10.75 -13.84
C ILE A 223 22.53 -9.45 -13.68
N HIS A 224 21.23 -9.59 -13.44
CA HIS A 224 20.31 -8.48 -13.35
C HIS A 224 19.68 -8.43 -12.00
N ALA A 225 19.74 -7.25 -11.40
CA ALA A 225 19.05 -7.01 -10.14
C ALA A 225 17.97 -5.96 -10.37
N VAL A 226 16.85 -6.07 -9.68
CA VAL A 226 15.71 -5.21 -9.94
C VAL A 226 15.26 -4.56 -8.63
N ALA A 227 14.91 -3.26 -8.69
CA ALA A 227 14.19 -2.66 -7.62
C ALA A 227 13.03 -1.93 -8.31
N VAL A 228 11.86 -2.01 -7.69
CA VAL A 228 10.65 -1.40 -8.27
C VAL A 228 9.95 -0.65 -7.18
N GLY A 229 9.79 0.64 -7.37
CA GLY A 229 9.01 1.41 -6.42
C GLY A 229 9.80 2.47 -5.73
N SER A 230 9.09 3.49 -5.30
CA SER A 230 9.72 4.69 -4.81
C SER A 230 9.66 4.80 -3.29
N MET A 231 8.92 3.90 -2.62
CA MET A 231 8.77 3.94 -1.16
C MET A 231 10.13 3.99 -0.47
N LEU A 232 10.34 5.11 0.21
CA LEU A 232 11.57 5.36 0.97
C LEU A 232 12.78 5.11 0.12
N PHE A 233 12.66 5.34 -1.18
CA PHE A 233 13.69 4.88 -2.11
C PHE A 233 15.10 5.38 -1.70
N ASP A 234 16.06 4.49 -1.62
CA ASP A 234 17.38 4.88 -1.17
C ASP A 234 18.37 4.79 -2.31
N PRO A 235 18.71 5.93 -2.95
CA PRO A 235 19.67 5.84 -4.05
C PRO A 235 21.06 5.40 -3.61
N GLU A 236 21.38 5.64 -2.35
CA GLU A 236 22.70 5.35 -1.82
C GLU A 236 22.98 3.86 -1.89
N PHE A 237 21.90 3.07 -1.81
CA PHE A 237 22.01 1.64 -1.91
C PHE A 237 22.72 1.32 -3.22
N PHE A 238 22.21 1.91 -4.31
CA PHE A 238 22.69 1.64 -5.67
C PHE A 238 24.00 2.26 -6.00
N VAL A 239 24.26 3.41 -5.42
CA VAL A 239 25.60 4.02 -5.46
C VAL A 239 26.63 2.98 -4.99
N VAL A 240 26.44 2.42 -3.80
CA VAL A 240 27.32 1.41 -3.26
C VAL A 240 27.24 0.13 -4.06
N ALA A 241 26.02 -0.37 -4.30
CA ALA A 241 25.89 -1.68 -4.95
C ALA A 241 26.43 -1.66 -6.35
N SER A 242 26.20 -0.58 -7.08
CA SER A 242 26.65 -0.56 -8.45
C SER A 242 28.20 -0.59 -8.58
N LYS A 243 28.88 0.17 -7.71
CA LYS A 243 30.36 0.17 -7.61
C LYS A 243 30.89 -1.21 -7.21
N ALA A 244 30.28 -1.81 -6.19
CA ALA A 244 30.73 -3.08 -5.64
C ALA A 244 30.44 -4.25 -6.55
N PHE A 245 29.41 -4.14 -7.38
CA PHE A 245 29.06 -5.24 -8.28
C PHE A 245 28.98 -4.82 -9.75
N PRO A 246 30.15 -4.47 -10.36
CA PRO A 246 30.17 -3.92 -11.73
C PRO A 246 29.57 -4.89 -12.74
N GLN A 247 29.59 -6.18 -12.40
CA GLN A 247 29.08 -7.27 -13.22
C GLN A 247 27.54 -7.43 -13.10
N VAL A 248 26.95 -6.76 -12.10
CA VAL A 248 25.50 -6.79 -11.95
C VAL A 248 24.92 -5.56 -12.59
N THR A 249 23.85 -5.74 -13.36
CA THR A 249 23.06 -4.63 -13.87
C THR A 249 21.88 -4.42 -12.95
N PHE A 250 21.76 -3.21 -12.42
CA PHE A 250 20.74 -2.84 -11.49
C PHE A 250 19.71 -2.07 -12.26
N HIS A 251 18.50 -2.61 -12.25
CA HIS A 251 17.33 -2.04 -12.93
C HIS A 251 16.47 -1.40 -11.88
N VAL A 252 16.47 -0.08 -11.91
CA VAL A 252 15.84 0.73 -10.93
C VAL A 252 14.60 1.35 -11.56
N ILE A 253 13.45 0.77 -11.22
CA ILE A 253 12.20 1.09 -11.86
C ILE A 253 11.28 1.86 -10.94
N GLY A 254 10.80 3.00 -11.41
CA GLY A 254 9.82 3.76 -10.68
C GLY A 254 10.32 4.10 -9.28
N SER A 255 11.59 4.47 -9.18
CA SER A 255 12.21 4.83 -7.91
C SER A 255 11.72 6.17 -7.41
N GLY A 256 10.97 6.89 -8.26
CA GLY A 256 10.51 8.24 -7.94
C GLY A 256 11.58 9.34 -8.09
N MET A 257 12.77 8.96 -8.53
CA MET A 257 13.81 9.92 -8.76
C MET A 257 14.54 9.50 -10.01
N GLY A 258 15.51 10.27 -10.44
CA GLY A 258 16.23 9.97 -11.67
C GLY A 258 17.56 9.26 -11.48
N ARG A 259 18.50 9.55 -12.36
CA ARG A 259 19.77 8.90 -12.30
C ARG A 259 20.67 9.63 -11.33
N HIS A 260 20.73 9.13 -10.10
CA HIS A 260 21.60 9.71 -9.09
C HIS A 260 23.03 9.73 -9.67
N PRO A 261 23.79 10.83 -9.46
CA PRO A 261 25.13 10.91 -10.07
C PRO A 261 26.14 9.87 -9.53
N GLY A 262 25.82 9.21 -8.43
CA GLY A 262 26.66 8.18 -7.87
C GLY A 262 26.40 6.82 -8.47
N TYR A 263 25.30 6.68 -9.22
CA TYR A 263 25.06 5.37 -9.86
C TYR A 263 26.16 5.09 -10.85
N GLY A 264 26.70 3.88 -10.79
CA GLY A 264 27.55 3.39 -11.84
C GLY A 264 26.77 3.13 -13.12
N ASP A 265 27.50 2.82 -14.18
CA ASP A 265 26.90 2.72 -15.49
C ASP A 265 26.12 1.44 -15.60
N ASN A 266 26.38 0.52 -14.67
CA ASN A 266 25.62 -0.74 -14.56
C ASN A 266 24.23 -0.52 -13.88
N VAL A 267 23.83 0.72 -13.67
CA VAL A 267 22.48 1.03 -13.19
C VAL A 267 21.66 1.61 -14.34
N ILE A 268 20.53 0.98 -14.57
CA ILE A 268 19.58 1.46 -15.54
C ILE A 268 18.43 2.00 -14.76
N VAL A 269 18.13 3.26 -14.99
CA VAL A 269 17.05 3.92 -14.27
C VAL A 269 15.86 4.06 -15.23
N TYR A 270 14.70 3.56 -14.84
CA TYR A 270 13.51 3.55 -15.66
C TYR A 270 12.52 4.49 -15.05
N GLY A 271 11.69 5.15 -15.86
CA GLY A 271 10.61 5.94 -15.27
C GLY A 271 9.55 4.99 -14.71
N GLU A 272 8.49 5.55 -14.15
CA GLU A 272 7.33 4.81 -13.75
C GLU A 272 6.93 3.86 -14.86
N MET A 273 6.72 2.61 -14.47
CA MET A 273 6.36 1.54 -15.39
C MET A 273 5.00 0.96 -14.97
N LYS A 274 4.17 0.61 -15.94
CA LYS A 274 2.88 0.01 -15.66
C LYS A 274 3.18 -1.28 -14.90
N HIS A 275 2.37 -1.59 -13.90
CA HIS A 275 2.60 -2.77 -13.06
C HIS A 275 2.92 -4.01 -13.87
N ALA A 276 2.09 -4.30 -14.87
CA ALA A 276 2.23 -5.51 -15.71
C ALA A 276 3.58 -5.58 -16.39
N GLN A 277 4.07 -4.42 -16.80
CA GLN A 277 5.36 -4.39 -17.45
C GLN A 277 6.53 -4.57 -16.46
N THR A 278 6.34 -4.24 -15.19
CA THR A 278 7.39 -4.49 -14.21
C THR A 278 7.71 -5.96 -14.01
N ILE A 279 6.75 -6.82 -14.34
CA ILE A 279 6.82 -8.21 -13.86
C ILE A 279 7.97 -9.00 -14.50
N GLY A 280 8.22 -8.79 -15.80
CA GLY A 280 9.35 -9.44 -16.46
C GLY A 280 10.67 -9.13 -15.81
N TYR A 281 10.80 -7.87 -15.38
CA TYR A 281 11.98 -7.37 -14.71
C TYR A 281 12.14 -8.01 -13.38
N ILE A 282 11.03 -8.39 -12.77
CA ILE A 282 11.09 -9.06 -11.50
C ILE A 282 11.35 -10.53 -11.73
N LYS A 283 10.50 -11.18 -12.53
CA LYS A 283 10.60 -12.64 -12.76
C LYS A 283 12.02 -13.06 -13.22
N HIS A 284 12.65 -12.26 -14.09
CA HIS A 284 13.89 -12.68 -14.72
C HIS A 284 15.14 -12.10 -14.10
N ALA A 285 14.97 -11.32 -13.04
CA ALA A 285 16.09 -10.84 -12.25
C ALA A 285 16.76 -12.01 -11.51
N ARG A 286 18.03 -11.82 -11.16
CA ARG A 286 18.74 -12.74 -10.29
C ARG A 286 18.35 -12.48 -8.84
N PHE A 287 18.20 -11.21 -8.46
CA PHE A 287 17.72 -10.87 -7.12
C PHE A 287 17.01 -9.52 -7.17
N GLY A 288 16.15 -9.29 -6.19
CA GLY A 288 15.42 -8.05 -6.09
C GLY A 288 15.92 -7.25 -4.90
N ILE A 289 15.60 -5.96 -4.94
CA ILE A 289 16.03 -5.03 -3.91
C ILE A 289 14.85 -4.20 -3.45
N ALA A 290 14.73 -4.06 -2.15
CA ALA A 290 13.73 -3.18 -1.59
C ALA A 290 14.57 -2.16 -0.86
N PRO A 291 14.96 -1.07 -1.55
CA PRO A 291 15.97 -0.22 -0.94
C PRO A 291 15.34 0.88 -0.08
N TYR A 292 14.73 0.45 1.01
CA TYR A 292 14.17 1.36 2.00
C TYR A 292 15.31 2.13 2.70
N ALA A 293 15.25 3.47 2.67
CA ALA A 293 16.33 4.34 3.13
C ALA A 293 16.41 4.32 4.65
N SER A 294 15.33 3.88 5.27
CA SER A 294 15.25 3.94 6.70
C SER A 294 14.84 2.57 7.24
N GLU A 295 15.37 2.24 8.41
CA GLU A 295 14.88 1.14 9.22
C GLU A 295 13.86 1.61 10.29
N GLN A 296 13.56 2.92 10.28
CA GLN A 296 12.49 3.43 11.12
C GLN A 296 11.16 3.07 10.47
N VAL A 297 10.90 1.78 10.41
CA VAL A 297 9.77 1.27 9.66
C VAL A 297 9.03 0.32 10.56
N PRO A 298 7.73 0.11 10.31
CA PRO A 298 7.05 -0.82 11.23
C PRO A 298 7.52 -2.24 10.97
N VAL A 299 7.38 -3.11 11.97
CA VAL A 299 7.64 -4.54 11.82
C VAL A 299 6.79 -5.17 10.71
N TYR A 300 5.61 -4.61 10.46
CA TYR A 300 4.74 -5.19 9.46
C TYR A 300 5.20 -4.96 8.01
N LEU A 301 6.09 -3.99 7.77
CA LEU A 301 6.53 -3.67 6.40
C LEU A 301 7.08 -4.93 5.68
N ALA A 302 7.67 -5.84 6.43
CA ALA A 302 8.18 -7.13 5.89
C ALA A 302 7.06 -7.87 5.17
N ASP A 303 5.86 -7.75 5.75
CA ASP A 303 4.62 -8.37 5.24
C ASP A 303 3.92 -7.49 4.23
N SER A 304 3.92 -6.20 4.47
CA SER A 304 3.08 -5.32 3.71
C SER A 304 3.80 -4.71 2.50
N SER A 305 5.13 -4.82 2.44
CA SER A 305 5.86 -4.37 1.29
C SER A 305 5.35 -5.08 0.02
N MET A 306 4.93 -4.26 -0.93
CA MET A 306 4.40 -4.79 -2.19
C MET A 306 5.50 -5.33 -3.10
N LYS A 307 6.58 -4.58 -3.24
CA LYS A 307 7.69 -5.09 -4.06
C LYS A 307 8.23 -6.40 -3.50
N LEU A 308 8.36 -6.49 -2.18
CA LEU A 308 8.91 -7.70 -1.57
C LEU A 308 7.97 -8.88 -1.76
N LEU A 309 6.66 -8.64 -1.67
CA LEU A 309 5.69 -9.67 -2.02
C LEU A 309 5.85 -10.18 -3.45
N GLN A 310 5.96 -9.26 -4.38
CA GLN A 310 6.16 -9.63 -5.77
C GLN A 310 7.46 -10.38 -6.06
N TYR A 311 8.54 -10.01 -5.38
CA TYR A 311 9.78 -10.81 -5.47
C TYR A 311 9.51 -12.23 -4.93
N ASP A 312 8.88 -12.28 -3.76
CA ASP A 312 8.56 -13.51 -3.07
C ASP A 312 7.66 -14.43 -3.90
N PHE A 313 6.77 -13.84 -4.69
CA PHE A 313 5.90 -14.63 -5.53
C PHE A 313 6.77 -15.54 -6.40
N PHE A 314 7.83 -14.96 -6.94
CA PHE A 314 8.72 -15.65 -7.83
C PHE A 314 9.82 -16.37 -7.12
N GLY A 315 9.91 -16.22 -5.79
CA GLY A 315 11.03 -16.75 -5.02
C GLY A 315 12.33 -15.97 -5.32
N LEU A 316 12.20 -14.77 -5.87
CA LEU A 316 13.34 -13.92 -6.18
C LEU A 316 14.04 -13.53 -4.87
N PRO A 317 15.30 -13.97 -4.70
CA PRO A 317 16.02 -13.58 -3.50
C PRO A 317 16.03 -12.05 -3.41
N ALA A 318 15.93 -11.54 -2.21
CA ALA A 318 15.79 -10.12 -2.01
C ALA A 318 16.85 -9.59 -1.07
N VAL A 319 17.30 -8.38 -1.37
CA VAL A 319 18.14 -7.56 -0.51
C VAL A 319 17.29 -6.41 -0.01
N CYS A 320 17.25 -6.24 1.30
CA CYS A 320 16.41 -5.22 1.89
C CYS A 320 17.01 -4.87 3.24
N PRO A 321 16.65 -3.72 3.83
CA PRO A 321 17.11 -3.45 5.19
C PRO A 321 16.76 -4.56 6.18
N ASN A 322 17.59 -4.70 7.23
CA ASN A 322 17.36 -5.79 8.19
C ASN A 322 15.95 -5.66 8.77
N ALA A 323 15.49 -4.43 8.88
CA ALA A 323 14.17 -4.17 9.48
C ALA A 323 12.97 -4.71 8.70
N VAL A 324 13.19 -5.13 7.45
CA VAL A 324 12.07 -5.63 6.68
C VAL A 324 12.32 -7.04 6.19
N VAL A 325 13.39 -7.64 6.65
CA VAL A 325 13.61 -9.05 6.40
C VAL A 325 12.46 -9.81 7.08
N GLY A 326 12.19 -9.46 8.32
CA GLY A 326 11.07 -10.06 9.01
C GLY A 326 11.15 -11.59 9.05
N PRO A 327 9.98 -12.25 9.02
CA PRO A 327 9.81 -13.69 9.08
C PRO A 327 9.84 -14.30 7.68
N TYR A 328 10.97 -14.15 6.99
CA TYR A 328 11.05 -14.52 5.58
C TYR A 328 12.40 -15.07 5.23
N LYS A 329 12.38 -16.14 4.47
CA LYS A 329 13.60 -16.66 3.86
C LYS A 329 13.94 -15.81 2.63
N SER A 330 15.14 -15.99 2.10
CA SER A 330 15.51 -15.38 0.83
C SER A 330 15.56 -13.85 0.85
N ARG A 331 15.68 -13.27 2.03
CA ARG A 331 15.82 -11.82 2.21
C ARG A 331 17.12 -11.60 2.93
N PHE A 332 17.97 -10.74 2.37
CA PHE A 332 19.30 -10.55 2.91
C PHE A 332 19.40 -9.13 3.35
N GLY A 333 19.45 -8.99 4.67
CA GLY A 333 19.30 -7.70 5.28
C GLY A 333 20.60 -6.95 5.27
N TYR A 334 20.51 -5.63 5.17
CA TYR A 334 21.65 -4.77 5.32
C TYR A 334 21.24 -3.60 6.17
N THR A 335 22.21 -2.78 6.52
CA THR A 335 21.90 -1.57 7.25
C THR A 335 22.03 -0.44 6.25
N PRO A 336 20.97 0.38 6.05
CA PRO A 336 21.09 1.49 5.11
C PRO A 336 22.28 2.37 5.50
N GLY A 337 23.02 2.85 4.51
CA GLY A 337 24.15 3.72 4.76
C GLY A 337 25.39 2.93 5.11
N ASN A 338 25.28 1.61 5.22
CA ASN A 338 26.43 0.80 5.57
C ASN A 338 26.82 0.00 4.38
N ALA A 339 27.84 0.45 3.66
CA ALA A 339 28.30 -0.15 2.42
C ALA A 339 28.63 -1.63 2.57
N ASP A 340 29.40 -1.96 3.59
CA ASP A 340 29.78 -3.34 3.80
C ASP A 340 28.60 -4.27 3.91
N SER A 341 27.58 -3.85 4.66
CA SER A 341 26.38 -4.66 4.87
C SER A 341 25.57 -4.79 3.57
N VAL A 342 25.55 -3.72 2.76
CA VAL A 342 24.94 -3.73 1.42
C VAL A 342 25.63 -4.77 0.58
N ILE A 343 26.95 -4.74 0.61
CA ILE A 343 27.76 -5.65 -0.18
C ILE A 343 27.62 -7.08 0.29
N ALA A 344 27.63 -7.27 1.62
CA ALA A 344 27.45 -8.59 2.18
C ALA A 344 26.08 -9.16 1.81
N ALA A 345 25.05 -8.34 1.86
CA ALA A 345 23.68 -8.80 1.55
C ALA A 345 23.55 -9.23 0.09
N ILE A 346 24.11 -8.43 -0.81
CA ILE A 346 24.09 -8.75 -2.22
C ILE A 346 24.81 -10.05 -2.55
N THR A 347 25.99 -10.23 -1.96
CA THR A 347 26.83 -11.40 -2.15
C THR A 347 26.02 -12.64 -1.80
N GLN A 348 25.32 -12.59 -0.68
CA GLN A 348 24.38 -13.64 -0.26
C GLN A 348 23.18 -13.82 -1.17
N ALA A 349 22.55 -12.72 -1.59
CA ALA A 349 21.38 -12.82 -2.48
C ALA A 349 21.80 -13.40 -3.83
N LEU A 350 23.02 -13.11 -4.27
CA LEU A 350 23.54 -13.64 -5.54
C LEU A 350 23.65 -15.17 -5.55
N GLU A 351 23.90 -15.74 -4.38
CA GLU A 351 24.07 -17.17 -4.26
C GLU A 351 22.79 -17.89 -3.75
N ALA A 352 21.78 -17.13 -3.32
CA ALA A 352 20.53 -17.69 -2.81
C ALA A 352 19.71 -18.43 -3.87
N PRO A 353 19.22 -19.63 -3.53
CA PRO A 353 18.35 -20.25 -4.50
C PRO A 353 16.98 -19.56 -4.62
N ARG A 354 16.44 -19.60 -5.81
CA ARG A 354 15.09 -19.16 -6.03
C ARG A 354 14.12 -20.28 -5.64
N VAL A 355 13.39 -20.05 -4.55
CA VAL A 355 12.35 -20.93 -4.05
C VAL A 355 11.10 -20.13 -3.69
N ARG A 356 9.97 -20.62 -4.13
CA ARG A 356 8.69 -19.99 -3.79
C ARG A 356 8.24 -20.36 -2.39
N TYR A 357 8.86 -19.74 -1.40
CA TYR A 357 8.50 -19.94 0.01
C TYR A 357 7.17 -19.34 0.45
N ARG A 358 6.77 -18.25 -0.16
CA ARG A 358 5.62 -17.50 0.30
C ARG A 358 4.45 -17.86 -0.56
N GLN A 359 3.35 -18.12 0.11
CA GLN A 359 2.10 -18.39 -0.55
C GLN A 359 1.43 -17.06 -0.80
N CYS A 360 1.08 -16.86 -2.06
CA CYS A 360 0.61 -15.56 -2.47
C CYS A 360 -0.74 -15.74 -3.12
N LEU A 361 -1.79 -15.39 -2.40
CA LEU A 361 -3.11 -15.48 -2.96
C LEU A 361 -3.24 -14.41 -4.01
N ASN A 362 -4.02 -14.68 -5.04
CA ASN A 362 -4.31 -13.65 -6.01
C ASN A 362 -5.26 -12.61 -5.44
N TRP A 363 -5.48 -11.55 -6.20
CA TRP A 363 -6.28 -10.42 -5.77
C TRP A 363 -7.74 -10.73 -5.54
N SER A 364 -8.29 -11.64 -6.33
CA SER A 364 -9.67 -12.06 -6.19
C SER A 364 -9.88 -12.82 -4.88
N ASP A 365 -9.02 -13.81 -4.64
CA ASP A 365 -9.05 -14.63 -3.42
C ASP A 365 -8.75 -13.82 -2.20
N THR A 366 -7.83 -12.85 -2.36
CA THR A 366 -7.57 -11.87 -1.31
C THR A 366 -8.81 -11.03 -1.02
N THR A 367 -9.47 -10.57 -2.07
CA THR A 367 -10.68 -9.73 -1.90
C THR A 367 -11.79 -10.51 -1.23
N ASP A 368 -11.99 -11.76 -1.65
CA ASP A 368 -12.91 -12.68 -0.96
C ASP A 368 -12.70 -12.65 0.56
N ARG A 369 -11.44 -12.70 0.98
CA ARG A 369 -11.04 -12.77 2.38
C ARG A 369 -11.13 -11.42 3.01
N VAL A 370 -10.83 -10.35 2.26
CA VAL A 370 -11.04 -9.00 2.79
C VAL A 370 -12.53 -8.80 3.15
N LEU A 371 -13.41 -9.25 2.27
CA LEU A 371 -14.83 -9.04 2.39
C LEU A 371 -15.50 -9.98 3.37
N ASP A 372 -15.09 -11.25 3.34
CA ASP A 372 -15.73 -12.27 4.18
C ASP A 372 -14.72 -13.14 4.85
N PRO A 373 -13.86 -12.53 5.69
CA PRO A 373 -12.79 -13.27 6.35
C PRO A 373 -13.30 -14.42 7.21
N ARG A 374 -14.45 -14.25 7.85
CA ARG A 374 -15.07 -15.31 8.64
C ARG A 374 -15.39 -16.56 7.83
N ALA A 375 -15.56 -16.42 6.51
CA ALA A 375 -15.70 -17.61 5.67
C ALA A 375 -14.36 -18.34 5.48
N TYR A 376 -13.25 -17.74 5.91
CA TYR A 376 -11.90 -18.32 5.73
C TYR A 376 -11.23 -18.24 7.06
N PRO A 377 -11.55 -19.20 7.94
CA PRO A 377 -11.25 -19.12 9.37
C PRO A 377 -9.75 -19.04 9.65
N GLU A 378 -8.92 -19.41 8.69
CA GLU A 378 -7.47 -19.24 8.87
C GLU A 378 -7.04 -17.77 8.99
N THR A 379 -7.87 -16.84 8.53
CA THR A 379 -7.59 -15.39 8.61
C THR A 379 -7.76 -14.83 10.01
N ARG A 380 -8.46 -15.57 10.86
CA ARG A 380 -8.68 -15.13 12.23
C ARG A 380 -7.40 -14.93 13.01
N LEU A 381 -7.35 -13.80 13.69
CA LEU A 381 -6.24 -13.42 14.51
C LEU A 381 -6.49 -13.70 16.00
N TYR A 382 -7.71 -14.09 16.34
CA TYR A 382 -8.10 -14.30 17.73
C TYR A 382 -8.99 -15.53 17.83
N PRO A 383 -9.07 -16.16 19.03
CA PRO A 383 -9.83 -17.43 19.15
C PRO A 383 -11.13 -17.44 18.30
N1 UDP B . 5.44 -0.16 -9.02
C2 UDP B . 5.12 -0.32 -10.35
N3 UDP B . 5.76 0.45 -11.30
C4 UDP B . 6.71 1.36 -10.89
C5 UDP B . 7.03 1.51 -9.53
C6 UDP B . 6.20 0.92 -8.59
O2 UDP B . 4.26 -1.13 -10.71
O4 UDP B . 7.27 2.02 -11.74
C1' UDP B . 4.73 -0.99 -8.02
C2' UDP B . 5.60 -2.03 -7.33
O2' UDP B . 5.40 -3.22 -8.05
C3' UDP B . 4.88 -2.24 -6.05
C4' UDP B . 4.09 -0.96 -5.83
O4' UDP B . 4.22 -0.19 -7.00
O3' UDP B . 3.85 -3.17 -6.46
C5' UDP B . 4.42 -0.17 -4.58
O5' UDP B . 5.70 0.35 -4.69
PA UDP B . 6.22 1.17 -3.44
O1A UDP B . 5.55 2.47 -3.28
O2A UDP B . 7.68 1.39 -3.49
O3A UDP B . 5.81 0.31 -2.17
PB UDP B . 6.43 -1.11 -1.70
O1B UDP B . 5.51 -1.29 -0.62
O2B UDP B . 7.84 -1.03 -1.28
O3B UDP B . 6.54 -2.12 -2.76
#